data_4QQD
#
_entry.id   4QQD
#
_cell.length_a   87.338
_cell.length_b   87.338
_cell.length_c   83.921
_cell.angle_alpha   90.000
_cell.angle_beta   90.000
_cell.angle_gamma   120.000
#
_symmetry.space_group_name_H-M   'P 61'
#
loop_
_entity.id
_entity.type
_entity.pdbx_description
1 polymer 'E3 ubiquitin-protein ligase UHRF1'
2 non-polymer 4-methyl-2,3,4,5,6,7-hexahydrodicyclopenta[b,e]pyridin-8(1H)-imine
3 non-polymer 'UNKNOWN ATOM OR ION'
4 water water
#
_entity_poly.entity_id   1
_entity_poly.type   'polypeptide(L)'
_entity_poly.pdbx_seq_one_letter_code
;GMWDETELGLYKVNEYVDARDTNMGAWFEAQVVRVTRKAPSRDEPCSSTSRPALEEDVIYHVKYDDYPENGVVQMNSRDV
RARARTIIKWQDLEVGQVVMLNYNPDNPKERGFWYDAEISRKRETRTARELYANVVLGDDSLNDCRIIFVDEVFKIERPG
E
;
_entity_poly.pdbx_strand_id   A,B
#
# COMPACT_ATOMS: atom_id res chain seq x y z
N GLY A 9 29.83 -18.03 -12.82
CA GLY A 9 29.39 -16.78 -13.49
C GLY A 9 29.58 -15.51 -12.66
N LEU A 10 28.48 -14.76 -12.49
CA LEU A 10 28.51 -13.38 -12.02
C LEU A 10 28.90 -13.25 -10.55
N TYR A 11 28.38 -14.10 -9.67
CA TYR A 11 28.78 -14.06 -8.25
C TYR A 11 29.61 -15.29 -7.94
N LYS A 12 30.50 -15.14 -6.97
CA LYS A 12 31.60 -16.06 -6.75
C LYS A 12 31.39 -16.80 -5.46
N VAL A 13 31.97 -17.99 -5.37
CA VAL A 13 31.98 -18.75 -4.13
C VAL A 13 32.55 -17.84 -3.04
N ASN A 14 31.93 -17.92 -1.87
CA ASN A 14 32.25 -17.05 -0.73
C ASN A 14 31.80 -15.58 -0.78
N GLU A 15 31.26 -15.14 -1.89
CA GLU A 15 30.80 -13.77 -1.96
C GLU A 15 29.55 -13.57 -1.09
N TYR A 16 29.56 -12.49 -0.31
CA TYR A 16 28.40 -12.02 0.43
C TYR A 16 27.37 -11.38 -0.50
N VAL A 17 26.13 -11.83 -0.40
CA VAL A 17 25.10 -11.45 -1.33
C VAL A 17 23.80 -11.23 -0.57
N ASP A 18 22.78 -10.78 -1.28
CA ASP A 18 21.44 -10.84 -0.80
C ASP A 18 20.80 -11.87 -1.67
N ALA A 19 19.93 -12.68 -1.06
CA ALA A 19 19.26 -13.73 -1.79
C ALA A 19 17.80 -13.68 -1.53
N ARG A 20 17.00 -13.83 -2.59
CA ARG A 20 15.57 -13.70 -2.45
C ARG A 20 14.86 -15.06 -2.35
N ASP A 21 14.19 -15.28 -1.25
CA ASP A 21 13.25 -16.37 -1.09
C ASP A 21 12.08 -16.16 -2.04
N THR A 22 12.03 -16.95 -3.09
CA THR A 22 11.07 -16.77 -4.17
C THR A 22 9.62 -17.12 -3.73
N ASN A 23 9.46 -17.95 -2.70
CA ASN A 23 8.17 -18.18 -2.05
C ASN A 23 7.55 -16.85 -1.60
N MET A 24 8.22 -16.19 -0.66
CA MET A 24 7.65 -15.05 0.00
C MET A 24 8.10 -13.70 -0.57
N GLY A 25 9.09 -13.68 -1.45
CA GLY A 25 9.57 -12.46 -2.11
C GLY A 25 10.60 -11.61 -1.37
N ALA A 26 10.93 -11.96 -0.14
CA ALA A 26 11.84 -11.17 0.68
C ALA A 26 13.29 -11.52 0.41
N TRP A 27 14.18 -10.54 0.65
CA TRP A 27 15.62 -10.67 0.41
C TRP A 27 16.29 -10.83 1.71
N PHE A 28 17.25 -11.75 1.78
CA PHE A 28 17.96 -11.99 3.03
C PHE A 28 19.48 -11.98 2.81
N GLU A 29 20.24 -11.63 3.83
CA GLU A 29 21.68 -11.68 3.71
C GLU A 29 22.19 -13.11 3.62
N ALA A 30 23.06 -13.39 2.64
CA ALA A 30 23.53 -14.74 2.45
C ALA A 30 24.93 -14.77 1.86
N GLN A 31 25.47 -16.00 1.72
CA GLN A 31 26.79 -16.20 1.18
C GLN A 31 26.78 -17.30 0.14
N VAL A 32 27.45 -17.07 -0.97
CA VAL A 32 27.47 -18.06 -2.01
C VAL A 32 28.43 -19.14 -1.56
N VAL A 33 27.92 -20.38 -1.47
CA VAL A 33 28.79 -21.54 -1.14
C VAL A 33 29.14 -22.39 -2.35
N ARG A 34 28.33 -22.35 -3.39
CA ARG A 34 28.58 -23.18 -4.53
C ARG A 34 27.87 -22.61 -5.76
N VAL A 35 28.50 -22.73 -6.93
CA VAL A 35 27.89 -22.30 -8.21
C VAL A 35 27.84 -23.46 -9.21
N THR A 36 26.67 -23.75 -9.77
CA THR A 36 26.56 -24.82 -10.77
C THR A 36 25.74 -24.35 -11.98
N ARG A 37 25.67 -25.18 -13.04
CA ARG A 37 24.83 -24.93 -14.26
C ARG A 37 23.52 -25.72 -14.20
N LYS A 38 22.54 -25.35 -15.03
CA LYS A 38 21.12 -25.82 -14.88
C LYS A 38 20.73 -27.05 -15.72
N GLU A 55 24.33 -16.52 -17.88
CA GLU A 55 24.03 -16.27 -16.45
C GLU A 55 22.65 -16.81 -16.03
N GLU A 56 21.67 -16.77 -16.93
CA GLU A 56 20.36 -17.37 -16.68
C GLU A 56 20.44 -18.91 -16.57
N ASP A 57 21.55 -19.52 -16.99
CA ASP A 57 21.77 -20.97 -16.80
C ASP A 57 22.58 -21.30 -15.52
N VAL A 58 22.91 -20.28 -14.71
CA VAL A 58 23.65 -20.45 -13.46
C VAL A 58 22.71 -20.72 -12.28
N ILE A 59 23.12 -21.64 -11.41
CA ILE A 59 22.47 -21.92 -10.15
C ILE A 59 23.44 -21.56 -9.02
N TYR A 60 22.98 -20.68 -8.11
CA TYR A 60 23.71 -20.36 -6.91
C TYR A 60 23.15 -21.16 -5.77
N HIS A 61 24.06 -21.70 -4.97
CA HIS A 61 23.70 -22.36 -3.74
C HIS A 61 24.17 -21.45 -2.63
N VAL A 62 23.25 -21.07 -1.74
CA VAL A 62 23.61 -20.13 -0.69
C VAL A 62 23.23 -20.59 0.69
N LYS A 63 23.94 -20.06 1.67
CA LYS A 63 23.58 -20.22 3.06
C LYS A 63 23.26 -18.83 3.64
N TYR A 64 22.22 -18.76 4.45
CA TYR A 64 21.84 -17.54 5.13
C TYR A 64 22.71 -17.34 6.37
N ASP A 65 23.20 -16.12 6.53
CA ASP A 65 24.31 -15.80 7.48
C ASP A 65 24.21 -16.27 8.95
N ASP A 66 23.06 -16.06 9.58
CA ASP A 66 22.90 -16.43 10.98
C ASP A 66 22.15 -17.76 11.17
N TYR A 67 22.15 -18.60 10.14
CA TYR A 67 21.44 -19.88 10.22
C TYR A 67 22.16 -20.98 9.44
N PRO A 68 23.46 -21.22 9.75
CA PRO A 68 24.20 -22.38 9.23
C PRO A 68 23.40 -23.69 9.27
N GLU A 69 22.73 -23.92 10.39
CA GLU A 69 21.84 -25.07 10.60
C GLU A 69 20.74 -25.29 9.54
N ASN A 70 20.34 -24.22 8.82
CA ASN A 70 19.29 -24.34 7.78
C ASN A 70 19.80 -24.59 6.44
N GLY A 71 21.10 -24.81 6.34
CA GLY A 71 21.62 -25.40 5.14
C GLY A 71 21.71 -24.47 3.96
N VAL A 72 21.70 -25.10 2.80
CA VAL A 72 22.04 -24.52 1.56
C VAL A 72 20.76 -24.49 0.77
N VAL A 73 20.56 -23.41 0.01
CA VAL A 73 19.34 -23.23 -0.78
C VAL A 73 19.79 -22.87 -2.17
N GLN A 74 19.09 -23.40 -3.17
CA GLN A 74 19.45 -23.19 -4.55
C GLN A 74 18.68 -21.99 -5.04
N MET A 75 19.38 -21.09 -5.73
CA MET A 75 18.77 -19.84 -6.20
C MET A 75 18.99 -19.68 -7.68
N ASN A 76 17.97 -19.21 -8.37
CA ASN A 76 18.17 -18.67 -9.71
C ASN A 76 18.96 -17.38 -9.64
N SER A 77 19.66 -17.09 -10.73
CA SER A 77 20.48 -15.89 -10.80
C SER A 77 19.71 -14.59 -10.55
N ARG A 78 18.47 -14.50 -10.98
CA ARG A 78 17.65 -13.28 -10.73
C ARG A 78 17.30 -13.08 -9.24
N ASP A 79 17.56 -14.09 -8.40
CA ASP A 79 17.23 -14.00 -6.98
C ASP A 79 18.48 -13.91 -6.13
N VAL A 80 19.58 -13.49 -6.74
CA VAL A 80 20.81 -13.22 -6.05
C VAL A 80 21.37 -11.87 -6.54
N ARG A 81 21.85 -11.04 -5.62
CA ARG A 81 22.43 -9.75 -5.95
C ARG A 81 23.55 -9.52 -5.05
N ALA A 82 24.48 -8.67 -5.47
CA ALA A 82 25.48 -8.15 -4.53
C ALA A 82 24.78 -7.39 -3.42
N ARG A 83 25.31 -7.36 -2.23
CA ARG A 83 24.65 -6.55 -1.18
C ARG A 83 24.75 -5.07 -1.46
N ALA A 84 23.65 -4.48 -1.91
CA ALA A 84 23.63 -3.06 -2.22
C ALA A 84 23.11 -2.33 -1.00
N ARG A 85 23.96 -1.47 -0.46
CA ARG A 85 23.63 -0.72 0.76
C ARG A 85 23.69 0.80 0.59
N THR A 86 23.33 1.28 -0.59
CA THR A 86 23.23 2.71 -0.86
C THR A 86 21.86 3.22 -0.50
N ILE A 87 21.79 4.05 0.53
CA ILE A 87 20.53 4.66 0.95
C ILE A 87 20.12 5.72 -0.03
N ILE A 88 18.82 5.80 -0.30
CA ILE A 88 18.25 6.91 -0.99
C ILE A 88 17.57 7.82 0.02
N LYS A 89 18.14 8.99 0.23
CA LYS A 89 17.62 10.00 1.19
C LYS A 89 16.18 10.32 0.86
N TRP A 90 15.42 10.70 1.87
CA TRP A 90 14.04 11.08 1.69
C TRP A 90 13.85 12.01 0.52
N GLN A 91 14.65 13.06 0.44
CA GLN A 91 14.43 14.09 -0.53
C GLN A 91 14.57 13.57 -1.94
N ASP A 92 15.42 12.57 -2.12
CA ASP A 92 15.68 11.98 -3.43
C ASP A 92 14.74 10.84 -3.82
N LEU A 93 13.84 10.42 -2.95
CA LEU A 93 12.88 9.43 -3.35
C LEU A 93 11.95 10.01 -4.41
N GLU A 94 11.66 9.22 -5.44
CA GLU A 94 10.81 9.61 -6.54
C GLU A 94 9.84 8.50 -6.85
N VAL A 95 8.62 8.92 -7.17
CA VAL A 95 7.60 8.07 -7.65
C VAL A 95 8.06 7.38 -8.93
N GLY A 96 7.84 6.08 -9.02
CA GLY A 96 8.30 5.31 -10.18
C GLY A 96 9.64 4.62 -9.99
N GLN A 97 10.41 5.01 -8.98
CA GLN A 97 11.63 4.27 -8.64
C GLN A 97 11.30 2.89 -8.07
N VAL A 98 12.06 1.90 -8.52
CA VAL A 98 12.07 0.56 -7.99
C VAL A 98 13.23 0.45 -7.02
N VAL A 99 12.89 0.18 -5.76
CA VAL A 99 13.81 0.30 -4.65
C VAL A 99 13.68 -0.90 -3.72
N MET A 100 14.55 -0.97 -2.73
CA MET A 100 14.55 -2.04 -1.78
C MET A 100 14.18 -1.44 -0.46
N LEU A 101 13.16 -1.97 0.20
CA LEU A 101 12.67 -1.35 1.43
C LEU A 101 12.06 -2.37 2.39
N ASN A 102 11.81 -1.93 3.60
CA ASN A 102 11.38 -2.81 4.65
C ASN A 102 9.88 -2.70 4.85
N TYR A 103 9.20 -3.84 4.86
CA TYR A 103 7.75 -3.87 5.05
C TYR A 103 7.34 -5.17 5.74
N ASN A 104 6.27 -5.09 6.52
CA ASN A 104 5.70 -6.25 7.22
C ASN A 104 4.24 -6.43 6.83
N PRO A 105 3.93 -7.34 5.89
CA PRO A 105 2.52 -7.45 5.39
C PRO A 105 1.49 -7.84 6.47
N ASP A 106 1.90 -8.66 7.42
CA ASP A 106 0.99 -9.13 8.48
C ASP A 106 0.81 -8.12 9.63
N ASN A 107 1.82 -7.27 9.86
CA ASN A 107 1.74 -6.17 10.86
C ASN A 107 2.31 -4.87 10.32
N PRO A 108 1.49 -4.12 9.56
CA PRO A 108 2.12 -3.14 8.67
C PRO A 108 2.79 -1.98 9.37
N LYS A 109 2.55 -1.80 10.68
CA LYS A 109 3.24 -0.76 11.44
C LYS A 109 4.55 -1.24 12.01
N GLU A 110 4.89 -2.51 11.84
CA GLU A 110 6.07 -3.06 12.50
C GLU A 110 7.18 -3.28 11.49
N ARG A 111 8.39 -3.39 12.02
CA ARG A 111 9.53 -3.85 11.27
C ARG A 111 9.21 -5.19 10.58
N GLY A 112 9.70 -5.36 9.38
CA GLY A 112 9.41 -6.60 8.66
C GLY A 112 10.59 -7.08 7.88
N PHE A 113 10.34 -7.58 6.68
CA PHE A 113 11.40 -8.05 5.78
C PHE A 113 11.75 -7.08 4.68
N TRP A 114 12.80 -7.37 3.92
CA TRP A 114 13.22 -6.52 2.82
C TRP A 114 12.64 -7.00 1.49
N TYR A 115 12.03 -6.08 0.75
CA TYR A 115 11.39 -6.39 -0.52
C TYR A 115 11.75 -5.39 -1.57
N ASP A 116 11.78 -5.80 -2.84
CA ASP A 116 11.68 -4.87 -3.96
C ASP A 116 10.30 -4.19 -3.97
N ALA A 117 10.28 -2.92 -4.38
CA ALA A 117 9.06 -2.19 -4.43
C ALA A 117 9.18 -0.98 -5.35
N GLU A 118 8.05 -0.57 -5.91
CA GLU A 118 8.00 0.59 -6.76
C GLU A 118 7.31 1.71 -6.00
N ILE A 119 8.01 2.82 -5.77
CA ILE A 119 7.42 3.95 -5.11
C ILE A 119 6.22 4.43 -5.93
N SER A 120 5.08 4.55 -5.29
CA SER A 120 3.88 4.96 -5.96
C SER A 120 3.39 6.33 -5.49
N ARG A 121 3.67 6.71 -4.25
CA ARG A 121 3.21 7.98 -3.72
C ARG A 121 4.12 8.48 -2.66
N LYS A 122 4.23 9.79 -2.59
CA LYS A 122 5.12 10.47 -1.66
C LYS A 122 4.42 11.76 -1.24
N ARG A 123 4.34 11.98 0.05
CA ARG A 123 3.58 13.10 0.62
C ARG A 123 4.35 13.66 1.80
N GLU A 124 4.39 14.97 1.91
CA GLU A 124 5.08 15.63 2.97
C GLU A 124 4.35 16.89 3.42
N THR A 125 4.22 17.06 4.75
CA THR A 125 3.87 18.34 5.38
C THR A 125 5.09 18.76 6.18
N ARG A 126 4.98 19.87 6.91
CA ARG A 126 6.08 20.31 7.77
C ARG A 126 6.35 19.29 8.90
N THR A 127 5.32 18.57 9.34
CA THR A 127 5.47 17.63 10.45
C THR A 127 5.36 16.13 10.08
N ALA A 128 5.00 15.78 8.83
CA ALA A 128 4.76 14.38 8.48
C ALA A 128 5.28 14.02 7.13
N ARG A 129 5.69 12.75 6.99
CA ARG A 129 6.17 12.23 5.72
C ARG A 129 5.47 10.91 5.53
N GLU A 130 4.88 10.68 4.36
CA GLU A 130 4.30 9.40 4.02
C GLU A 130 4.76 8.93 2.66
N LEU A 131 5.01 7.63 2.57
CA LEU A 131 5.57 6.98 1.41
C LEU A 131 4.75 5.76 1.14
N TYR A 132 4.37 5.56 -0.11
CA TYR A 132 3.60 4.38 -0.50
C TYR A 132 4.34 3.71 -1.61
N ALA A 133 4.28 2.38 -1.62
CA ALA A 133 4.91 1.62 -2.65
C ALA A 133 4.18 0.32 -2.96
N ASN A 134 4.36 -0.13 -4.19
CA ASN A 134 3.84 -1.38 -4.63
C ASN A 134 4.92 -2.43 -4.40
N VAL A 135 4.70 -3.22 -3.38
CA VAL A 135 5.66 -4.20 -2.88
C VAL A 135 5.52 -5.51 -3.62
N VAL A 136 6.63 -6.02 -4.07
CA VAL A 136 6.65 -7.26 -4.81
C VAL A 136 6.83 -8.45 -3.88
N LEU A 137 5.80 -9.32 -3.80
CA LEU A 137 5.89 -10.58 -3.01
C LEU A 137 6.27 -11.81 -3.84
N GLY A 138 6.69 -11.59 -5.09
CA GLY A 138 7.06 -12.70 -5.95
C GLY A 138 5.83 -13.39 -6.52
N ASP A 139 5.07 -14.08 -5.66
CA ASP A 139 3.77 -14.62 -6.04
C ASP A 139 2.84 -13.48 -6.51
N ASP A 140 2.34 -12.67 -5.58
CA ASP A 140 1.50 -11.50 -5.92
C ASP A 140 2.28 -10.18 -5.80
N SER A 141 1.61 -9.08 -6.13
CA SER A 141 2.07 -7.72 -5.79
C SER A 141 1.05 -7.07 -4.88
N LEU A 142 1.48 -6.04 -4.18
CA LEU A 142 0.70 -5.45 -3.13
C LEU A 142 0.79 -3.95 -3.32
N ASN A 143 -0.20 -3.41 -4.01
CA ASN A 143 -0.22 -2.01 -4.36
C ASN A 143 -0.40 -1.08 -3.18
N ASP A 144 0.26 0.08 -3.25
CA ASP A 144 0.14 1.16 -2.27
C ASP A 144 0.24 0.73 -0.82
N CYS A 145 1.28 -0.04 -0.50
CA CYS A 145 1.57 -0.30 0.92
C CYS A 145 2.12 0.95 1.53
N ARG A 146 1.69 1.21 2.73
CA ARG A 146 2.20 2.29 3.50
C ARG A 146 3.58 1.87 4.07
N ILE A 147 4.63 2.61 3.74
CA ILE A 147 5.99 2.25 4.16
C ILE A 147 6.42 3.08 5.34
N ILE A 148 6.73 2.43 6.45
CA ILE A 148 7.00 3.11 7.72
C ILE A 148 8.44 3.61 7.79
N PHE A 149 9.38 2.85 7.26
CA PHE A 149 10.80 3.18 7.40
C PHE A 149 11.33 3.91 6.19
N VAL A 150 10.89 5.17 6.10
CA VAL A 150 11.10 6.02 4.93
C VAL A 150 12.53 6.47 4.81
N ASP A 151 13.27 6.41 5.91
CA ASP A 151 14.71 6.70 5.89
C ASP A 151 15.64 5.47 5.69
N GLU A 152 15.05 4.33 5.39
CA GLU A 152 15.86 3.14 5.09
C GLU A 152 15.42 2.52 3.79
N VAL A 153 15.33 3.35 2.76
CA VAL A 153 15.05 2.86 1.46
C VAL A 153 16.39 2.80 0.72
N PHE A 154 16.64 1.69 0.03
CA PHE A 154 17.90 1.40 -0.63
C PHE A 154 17.78 1.26 -2.14
N LYS A 155 18.86 1.61 -2.81
CA LYS A 155 18.93 1.53 -4.23
C LYS A 155 19.19 0.08 -4.70
N ILE A 156 18.61 -0.27 -5.81
CA ILE A 156 18.93 -1.49 -6.50
C ILE A 156 19.87 -1.21 -7.67
N GLU A 157 21.02 -1.87 -7.66
CA GLU A 157 21.96 -1.93 -8.80
C GLU A 157 21.43 -2.81 -9.93
N ARG A 158 20.86 -2.19 -10.97
CA ARG A 158 20.35 -2.94 -12.12
N MET B 2 -25.42 31.22 -24.79
CA MET B 2 -25.65 30.59 -26.15
C MET B 2 -24.64 29.51 -26.53
N TRP B 3 -23.41 29.63 -26.02
CA TRP B 3 -22.29 28.80 -26.48
C TRP B 3 -21.84 27.74 -25.45
N GLY B 9 -22.77 17.05 -15.11
CA GLY B 9 -22.96 17.78 -13.86
C GLY B 9 -21.68 18.10 -13.08
N LEU B 10 -21.65 17.65 -11.84
CA LEU B 10 -20.66 18.08 -10.85
C LEU B 10 -19.24 17.57 -11.15
N TYR B 11 -19.11 16.32 -11.59
CA TYR B 11 -17.79 15.81 -12.02
C TYR B 11 -17.78 15.66 -13.54
N LYS B 12 -16.59 15.78 -14.11
CA LYS B 12 -16.40 15.91 -15.57
C LYS B 12 -15.73 14.66 -16.15
N VAL B 13 -15.99 14.41 -17.45
CA VAL B 13 -15.34 13.31 -18.16
C VAL B 13 -13.85 13.48 -18.01
N ASN B 14 -13.18 12.36 -17.79
CA ASN B 14 -11.75 12.31 -17.47
C ASN B 14 -11.30 12.72 -16.06
N GLU B 15 -12.21 13.19 -15.23
CA GLU B 15 -11.84 13.60 -13.89
C GLU B 15 -11.52 12.38 -13.03
N TYR B 16 -10.40 12.46 -12.32
CA TYR B 16 -10.03 11.50 -11.30
C TYR B 16 -10.91 11.68 -10.07
N VAL B 17 -11.48 10.57 -9.59
CA VAL B 17 -12.42 10.59 -8.50
C VAL B 17 -12.19 9.41 -7.59
N ASP B 18 -12.95 9.37 -6.48
CA ASP B 18 -13.10 8.16 -5.71
C ASP B 18 -14.51 7.72 -5.94
N ALA B 19 -14.69 6.43 -6.08
CA ALA B 19 -15.99 5.88 -6.34
C ALA B 19 -16.28 4.81 -5.34
N ARG B 20 -17.51 4.79 -4.82
CA ARG B 20 -17.86 3.82 -3.79
C ARG B 20 -18.64 2.59 -4.30
N ASP B 21 -18.06 1.41 -4.10
CA ASP B 21 -18.73 0.17 -4.30
C ASP B 21 -19.80 0.00 -3.27
N THR B 22 -21.05 0.10 -3.69
CA THR B 22 -22.19 0.18 -2.77
C THR B 22 -22.47 -1.15 -2.09
N ASN B 23 -22.06 -2.23 -2.74
CA ASN B 23 -22.09 -3.55 -2.15
C ASN B 23 -21.29 -3.57 -0.82
N MET B 24 -19.99 -3.29 -0.91
CA MET B 24 -19.09 -3.47 0.21
C MET B 24 -18.77 -2.17 1.01
N GLY B 25 -19.18 -1.02 0.50
CA GLY B 25 -18.99 0.27 1.18
C GLY B 25 -17.63 0.96 1.03
N ALA B 26 -16.68 0.31 0.37
CA ALA B 26 -15.33 0.86 0.21
C ALA B 26 -15.24 1.80 -0.97
N TRP B 27 -14.30 2.75 -0.86
CA TRP B 27 -14.08 3.78 -1.86
C TRP B 27 -12.84 3.36 -2.61
N PHE B 28 -12.86 3.47 -3.93
CA PHE B 28 -11.75 3.08 -4.79
C PHE B 28 -11.42 4.21 -5.75
N GLU B 29 -10.15 4.31 -6.11
CA GLU B 29 -9.75 5.32 -7.07
C GLU B 29 -10.30 4.99 -8.45
N ALA B 30 -10.83 5.99 -9.13
CA ALA B 30 -11.44 5.78 -10.42
C ALA B 30 -11.38 7.02 -11.29
N GLN B 31 -11.80 6.85 -12.53
CA GLN B 31 -11.83 7.97 -13.48
C GLN B 31 -13.18 8.03 -14.15
N VAL B 32 -13.72 9.24 -14.26
CA VAL B 32 -15.01 9.39 -14.92
C VAL B 32 -14.74 9.23 -16.42
N VAL B 33 -15.38 8.27 -17.06
CA VAL B 33 -15.27 8.13 -18.54
C VAL B 33 -16.50 8.69 -19.28
N ARG B 34 -17.65 8.78 -18.61
CA ARG B 34 -18.88 9.21 -19.26
C ARG B 34 -19.92 9.71 -18.24
N VAL B 35 -20.67 10.76 -18.58
CA VAL B 35 -21.75 11.29 -17.71
C VAL B 35 -23.10 11.28 -18.43
N THR B 36 -24.12 10.66 -17.86
CA THR B 36 -25.45 10.66 -18.49
C THR B 36 -26.54 11.01 -17.48
N ARG B 37 -27.78 11.17 -17.94
CA ARG B 37 -28.96 11.42 -17.07
C ARG B 37 -29.76 10.14 -16.83
N LYS B 38 -30.63 10.16 -15.81
CA LYS B 38 -31.27 8.96 -15.27
C LYS B 38 -32.69 8.72 -15.81
N LEU B 54 -31.22 17.52 -12.29
N LEU B 54 -29.73 18.94 -12.24
CA LEU B 54 -30.34 17.92 -11.19
CA LEU B 54 -30.27 17.98 -11.27
C LEU B 54 -29.21 16.91 -10.99
N GLU B 55 -28.37 17.12 -9.97
CA GLU B 55 -27.24 16.22 -9.71
C GLU B 55 -27.68 14.80 -9.30
N GLU B 56 -28.79 14.70 -8.58
CA GLU B 56 -29.38 13.41 -8.25
C GLU B 56 -29.90 12.67 -9.47
N ASP B 57 -30.05 13.38 -10.58
CA ASP B 57 -30.45 12.74 -11.85
C ASP B 57 -29.24 12.34 -12.73
N VAL B 58 -28.01 12.57 -12.24
CA VAL B 58 -26.79 12.26 -12.99
C VAL B 58 -26.31 10.84 -12.71
N ILE B 59 -25.84 10.19 -13.78
CA ILE B 59 -25.21 8.88 -13.73
C ILE B 59 -23.77 9.03 -14.22
N TYR B 60 -22.82 8.61 -13.38
CA TYR B 60 -21.42 8.62 -13.73
C TYR B 60 -21.06 7.22 -14.13
N HIS B 61 -20.30 7.12 -15.21
CA HIS B 61 -19.73 5.87 -15.65
C HIS B 61 -18.25 5.95 -15.40
N VAL B 62 -17.71 5.01 -14.64
CA VAL B 62 -16.33 5.11 -14.23
C VAL B 62 -15.58 3.84 -14.49
N LYS B 63 -14.27 3.98 -14.63
CA LYS B 63 -13.40 2.85 -14.64
C LYS B 63 -12.46 2.96 -13.41
N TYR B 64 -12.34 1.86 -12.70
CA TYR B 64 -11.44 1.79 -11.56
C TYR B 64 -10.00 1.71 -12.00
N ASP B 65 -9.20 2.63 -11.49
CA ASP B 65 -7.77 2.67 -11.78
C ASP B 65 -7.14 1.26 -11.63
N ASP B 66 -7.38 0.56 -10.53
CA ASP B 66 -6.73 -0.75 -10.27
C ASP B 66 -7.62 -1.98 -10.52
N TYR B 67 -8.69 -1.83 -11.29
CA TYR B 67 -9.56 -2.95 -11.65
C TYR B 67 -10.10 -2.75 -13.09
N PRO B 68 -9.19 -2.66 -14.10
CA PRO B 68 -9.57 -2.68 -15.52
C PRO B 68 -10.63 -3.73 -15.83
N GLU B 69 -10.41 -4.94 -15.32
CA GLU B 69 -11.30 -6.07 -15.55
C GLU B 69 -12.77 -5.82 -15.22
N ASN B 70 -13.07 -4.90 -14.31
CA ASN B 70 -14.49 -4.68 -13.96
C ASN B 70 -15.23 -3.90 -15.02
N GLY B 71 -14.50 -3.24 -15.89
CA GLY B 71 -15.05 -2.49 -16.98
C GLY B 71 -15.39 -1.06 -16.63
N VAL B 72 -16.52 -0.61 -17.16
CA VAL B 72 -17.09 0.67 -16.84
C VAL B 72 -18.21 0.29 -15.92
N VAL B 73 -18.41 1.09 -14.89
CA VAL B 73 -19.43 0.82 -13.90
C VAL B 73 -20.22 2.10 -13.73
N GLN B 74 -21.53 1.96 -13.59
CA GLN B 74 -22.41 3.08 -13.50
C GLN B 74 -22.55 3.40 -12.02
N MET B 75 -22.45 4.67 -11.67
CA MET B 75 -22.49 5.09 -10.28
C MET B 75 -23.54 6.16 -10.13
N ASN B 76 -24.28 6.09 -9.02
CA ASN B 76 -25.06 7.24 -8.57
C ASN B 76 -24.16 8.34 -8.08
N SER B 77 -24.65 9.58 -8.19
CA SER B 77 -23.86 10.73 -7.84
C SER B 77 -23.34 10.69 -6.41
N ARG B 78 -24.12 10.12 -5.49
CA ARG B 78 -23.71 10.04 -4.07
C ARG B 78 -22.54 9.07 -3.83
N ASP B 79 -22.19 8.28 -4.83
CA ASP B 79 -21.10 7.32 -4.71
C ASP B 79 -19.87 7.72 -5.49
N VAL B 80 -19.80 8.99 -5.83
CA VAL B 80 -18.66 9.56 -6.47
C VAL B 80 -18.28 10.82 -5.77
N ARG B 81 -17.00 11.03 -5.52
CA ARG B 81 -16.56 12.33 -5.10
C ARG B 81 -15.13 12.60 -5.53
N ALA B 82 -14.74 13.85 -5.41
CA ALA B 82 -13.40 14.25 -5.78
C ALA B 82 -12.42 13.51 -4.87
N ARG B 83 -11.21 13.27 -5.34
CA ARG B 83 -10.27 12.58 -4.52
C ARG B 83 -9.77 13.49 -3.41
N ALA B 84 -10.29 13.31 -2.21
CA ALA B 84 -9.89 14.16 -1.09
C ALA B 84 -8.72 13.51 -0.37
N ARG B 85 -7.59 14.20 -0.36
CA ARG B 85 -6.38 13.66 0.16
C ARG B 85 -5.76 14.52 1.23
N THR B 86 -6.59 15.28 1.92
CA THR B 86 -6.14 16.08 3.06
C THR B 86 -6.20 15.19 4.30
N ILE B 87 -5.04 14.96 4.87
CA ILE B 87 -4.92 14.27 6.12
C ILE B 87 -5.39 15.15 7.29
N ILE B 88 -6.08 14.55 8.26
CA ILE B 88 -6.38 15.20 9.54
C ILE B 88 -5.35 14.75 10.55
N LYS B 89 -4.50 15.68 11.01
CA LYS B 89 -3.43 15.41 11.99
C LYS B 89 -3.99 14.77 13.20
N TRP B 90 -3.20 13.94 13.85
CA TRP B 90 -3.62 13.26 15.05
C TRP B 90 -4.27 14.21 16.05
N GLN B 91 -3.63 15.34 16.31
CA GLN B 91 -4.09 16.25 17.34
C GLN B 91 -5.45 16.82 17.01
N ASP B 92 -5.77 16.96 15.71
CA ASP B 92 -7.06 17.50 15.26
C ASP B 92 -8.17 16.45 15.11
N LEU B 93 -7.89 15.18 15.34
CA LEU B 93 -8.97 14.22 15.29
C LEU B 93 -9.90 14.47 16.47
N GLU B 94 -11.19 14.37 16.22
CA GLU B 94 -12.21 14.55 17.22
C GLU B 94 -13.24 13.44 17.11
N VAL B 95 -13.67 12.98 18.27
CA VAL B 95 -14.77 12.09 18.40
C VAL B 95 -15.99 12.74 17.74
N GLY B 96 -16.73 11.96 16.95
CA GLY B 96 -17.91 12.49 16.25
C GLY B 96 -17.64 12.92 14.83
N GLN B 97 -16.38 13.14 14.47
CA GLN B 97 -16.04 13.42 13.06
C GLN B 97 -16.28 12.19 12.18
N VAL B 98 -16.85 12.43 11.02
CA VAL B 98 -17.02 11.50 9.95
C VAL B 98 -15.88 11.72 8.98
N VAL B 99 -15.07 10.69 8.82
CA VAL B 99 -13.80 10.82 8.13
C VAL B 99 -13.64 9.66 7.16
N MET B 100 -12.56 9.67 6.40
CA MET B 100 -12.22 8.54 5.51
C MET B 100 -10.97 7.88 6.02
N LEU B 101 -10.97 6.57 6.21
CA LEU B 101 -9.86 5.89 6.82
C LEU B 101 -9.73 4.45 6.33
N ASN B 102 -8.60 3.83 6.65
CA ASN B 102 -8.28 2.48 6.18
C ASN B 102 -8.55 1.43 7.23
N TYR B 103 -9.28 0.41 6.85
CA TYR B 103 -9.64 -0.68 7.74
C TYR B 103 -9.91 -1.98 6.96
N ASN B 104 -9.63 -3.11 7.59
CA ASN B 104 -9.79 -4.45 7.02
C ASN B 104 -10.71 -5.29 7.92
N PRO B 105 -12.00 -5.32 7.62
CA PRO B 105 -12.95 -6.02 8.51
C PRO B 105 -12.67 -7.51 8.74
N ASP B 106 -12.21 -8.22 7.73
CA ASP B 106 -11.98 -9.67 7.86
C ASP B 106 -10.66 -9.94 8.58
N ASN B 107 -9.68 -9.03 8.46
CA ASN B 107 -8.37 -9.15 9.15
C ASN B 107 -7.94 -7.81 9.79
N PRO B 108 -8.52 -7.50 10.95
CA PRO B 108 -8.42 -6.12 11.41
C PRO B 108 -7.01 -5.62 11.72
N LYS B 109 -6.02 -6.51 11.82
CA LYS B 109 -4.62 -6.15 12.00
C LYS B 109 -3.93 -5.79 10.70
N GLU B 110 -4.56 -5.98 9.56
CA GLU B 110 -3.89 -5.77 8.29
C GLU B 110 -4.43 -4.57 7.57
N ARG B 111 -3.65 -4.11 6.62
CA ARG B 111 -4.10 -3.13 5.67
C ARG B 111 -5.37 -3.59 5.00
N GLY B 112 -6.26 -2.65 4.73
CA GLY B 112 -7.51 -2.98 4.09
C GLY B 112 -7.95 -1.95 3.08
N PHE B 113 -9.25 -1.67 3.03
CA PHE B 113 -9.82 -0.74 2.09
C PHE B 113 -10.17 0.57 2.77
N TRP B 114 -10.64 1.52 1.97
CA TRP B 114 -10.97 2.82 2.46
C TRP B 114 -12.47 2.96 2.70
N TYR B 115 -12.83 3.35 3.93
CA TYR B 115 -14.22 3.52 4.30
C TYR B 115 -14.50 4.82 5.00
N ASP B 116 -15.72 5.34 4.84
CA ASP B 116 -16.23 6.39 5.70
C ASP B 116 -16.39 5.80 7.09
N ALA B 117 -16.15 6.62 8.09
CA ALA B 117 -16.28 6.15 9.45
C ALA B 117 -16.47 7.33 10.38
N GLU B 118 -17.10 7.05 11.52
CA GLU B 118 -17.31 8.06 12.53
C GLU B 118 -16.37 7.77 13.71
N ILE B 119 -15.50 8.70 14.04
CA ILE B 119 -14.58 8.51 15.19
C ILE B 119 -15.43 8.36 16.45
N SER B 120 -15.19 7.31 17.22
CA SER B 120 -15.93 7.05 18.42
C SER B 120 -15.07 7.13 19.68
N ARG B 121 -13.78 6.86 19.59
CA ARG B 121 -12.89 6.97 20.75
C ARG B 121 -11.49 7.33 20.36
N LYS B 122 -10.84 8.10 21.21
CA LYS B 122 -9.51 8.57 20.98
C LYS B 122 -8.80 8.57 22.34
N ARG B 123 -7.61 8.02 22.34
CA ARG B 123 -6.91 7.78 23.58
C ARG B 123 -5.42 7.99 23.30
N GLU B 124 -4.76 8.78 24.15
CA GLU B 124 -3.35 9.05 24.02
C GLU B 124 -2.66 8.96 25.38
N THR B 125 -1.57 8.23 25.41
CA THR B 125 -0.69 8.18 26.58
C THR B 125 0.69 8.51 26.04
N ARG B 126 1.69 8.45 26.88
CA ARG B 126 3.02 8.76 26.43
C ARG B 126 3.54 7.66 25.49
N THR B 127 3.00 6.43 25.61
CA THR B 127 3.46 5.32 24.76
C THR B 127 2.44 4.85 23.70
N ALA B 128 1.20 5.36 23.72
CA ALA B 128 0.20 4.90 22.79
C ALA B 128 -0.65 6.00 22.24
N ARG B 129 -1.15 5.77 21.03
CA ARG B 129 -2.21 6.54 20.45
C ARG B 129 -3.19 5.57 19.81
N GLU B 130 -4.40 5.47 20.36
CA GLU B 130 -5.40 4.53 19.92
C GLU B 130 -6.65 5.29 19.46
N LEU B 131 -7.26 4.79 18.39
CA LEU B 131 -8.35 5.46 17.70
C LEU B 131 -9.36 4.38 17.35
N TYR B 132 -10.61 4.63 17.69
CA TYR B 132 -11.70 3.70 17.41
C TYR B 132 -12.70 4.45 16.58
N ALA B 133 -13.35 3.74 15.66
CA ALA B 133 -14.37 4.33 14.82
C ALA B 133 -15.44 3.34 14.41
N ASN B 134 -16.58 3.90 14.11
CA ASN B 134 -17.68 3.13 13.58
C ASN B 134 -17.64 3.21 12.07
N VAL B 135 -17.23 2.10 11.47
CA VAL B 135 -16.97 2.02 10.04
C VAL B 135 -18.23 1.68 9.25
N VAL B 136 -18.49 2.44 8.20
CA VAL B 136 -19.67 2.25 7.40
C VAL B 136 -19.40 1.30 6.24
N LEU B 137 -20.07 0.15 6.25
N LEU B 137 -20.03 0.14 6.27
CA LEU B 137 -19.99 -0.82 5.14
CA LEU B 137 -19.94 -0.81 5.15
C LEU B 137 -21.13 -0.70 4.12
C LEU B 137 -21.07 -0.55 4.12
N GLY B 138 -21.92 0.37 4.20
N GLY B 138 -21.24 -1.45 3.16
CA GLY B 138 -23.04 0.56 3.28
CA GLY B 138 -22.18 -1.22 2.06
C GLY B 138 -24.20 -0.31 3.68
C GLY B 138 -23.59 -1.63 2.39
N ASP B 139 -24.06 -1.62 3.51
N ASP B 139 -23.76 -2.40 3.47
CA ASP B 139 -25.05 -2.60 4.00
CA ASP B 139 -25.09 -2.71 4.01
C ASP B 139 -25.19 -2.46 5.53
N ASP B 140 -24.18 -2.92 6.30
CA ASP B 140 -24.15 -2.78 7.76
C ASP B 140 -23.20 -1.65 8.23
N SER B 141 -23.16 -1.45 9.53
CA SER B 141 -22.15 -0.61 10.17
C SER B 141 -21.39 -1.46 11.20
N LEU B 142 -20.20 -1.01 11.59
CA LEU B 142 -19.29 -1.84 12.41
C LEU B 142 -18.72 -0.98 13.52
N ASN B 143 -19.33 -1.07 14.68
CA ASN B 143 -19.03 -0.17 15.78
C ASN B 143 -17.69 -0.43 16.44
N ASP B 144 -17.05 0.65 16.88
CA ASP B 144 -15.76 0.60 17.59
C ASP B 144 -14.70 -0.31 16.96
N CYS B 145 -14.42 -0.12 15.69
CA CYS B 145 -13.25 -0.77 15.09
C CYS B 145 -11.98 -0.09 15.53
N ARG B 146 -11.00 -0.88 15.83
CA ARG B 146 -9.71 -0.36 16.21
C ARG B 146 -8.98 0.02 14.94
N ILE B 147 -8.61 1.28 14.82
CA ILE B 147 -7.97 1.80 13.60
C ILE B 147 -6.46 1.87 13.76
N ILE B 148 -5.75 1.19 12.87
CA ILE B 148 -4.29 1.04 12.92
C ILE B 148 -3.59 2.23 12.37
N PHE B 149 -4.10 2.76 11.28
CA PHE B 149 -3.40 3.84 10.60
C PHE B 149 -3.97 5.21 11.00
N VAL B 150 -3.62 5.61 12.21
CA VAL B 150 -4.11 6.83 12.84
C VAL B 150 -3.55 8.10 12.23
N ASP B 151 -2.45 7.99 11.52
CA ASP B 151 -1.92 9.12 10.73
C ASP B 151 -2.34 9.14 9.27
N GLU B 152 -3.28 8.29 8.89
CA GLU B 152 -3.83 8.28 7.52
C GLU B 152 -5.33 8.39 7.57
N VAL B 153 -5.81 9.36 8.35
CA VAL B 153 -7.24 9.66 8.39
C VAL B 153 -7.47 10.90 7.62
N PHE B 154 -8.42 10.83 6.71
CA PHE B 154 -8.60 11.85 5.70
C PHE B 154 -9.91 12.58 5.91
N LYS B 155 -9.89 13.86 5.57
CA LYS B 155 -11.07 14.71 5.65
C LYS B 155 -12.00 14.49 4.49
N ILE B 156 -13.30 14.46 4.74
CA ILE B 156 -14.30 14.38 3.69
C ILE B 156 -14.78 15.80 3.37
N GLU B 157 -14.62 16.23 2.12
CA GLU B 157 -14.88 17.63 1.74
C GLU B 157 -16.36 17.89 1.50
#